data_4GW0
#
_entry.id   4GW0
#
_cell.length_a   65.184
_cell.length_b   71.103
_cell.length_c   79.962
_cell.angle_alpha   90.00
_cell.angle_beta   90.00
_cell.angle_gamma   90.00
#
_symmetry.space_group_name_H-M   'P 21 21 21'
#
loop_
_entity.id
_entity.type
_entity.pdbx_description
1 polymer 'Arginine kinase'
2 non-polymer "ADENOSINE-5'-DIPHOSPHATE"
3 non-polymer 'MAGNESIUM ION'
4 non-polymer N5-IMINOETHYL-L-ORNITHINE
5 non-polymer 'NITRATE ION'
6 water water
#
_entity_poly.entity_id   1
_entity_poly.type   'polypeptide(L)'
_entity_poly.pdbx_seq_one_letter_code
;MVDQATLDKLEAGFKKLQEASDCKSLLKKHLTKDVFDSIKNKKTGMGATLLDVIQSGVENLDSGVGIYAPDAESYRTFGP
LFDPIIDDYHGGFKLTDKHPPKQWGDINTLVGLDPAGQFIISTRVRCGRSLQGYPFNPCLTAEQYKEMEEKVSSTLSSME
DELKGTYYPLTGMSKATQQQLIDDHFLFKEGDRFLQTANACRYWPTGRGIFHNDAKTFLVWVNEEDHLRIISMQKGGDLK
TVYKRLVTAVDNIESKLPFSHDDRFGFLTFCPTNLGTTMRASVHIQLPKLAKDRKVLEDIASKFNLQVRGTRGEHTESEG
GVYDISNKRRLGLTEYQAVREMQDGILEMIKMEKAAA
;
_entity_poly.pdbx_strand_id   A
#
loop_
_chem_comp.id
_chem_comp.type
_chem_comp.name
_chem_comp.formula
ADP non-polymer ADENOSINE-5'-DIPHOSPHATE 'C10 H15 N5 O10 P2'
ILO non-polymer N5-IMINOETHYL-L-ORNITHINE 'C7 H15 N3 O2'
MG non-polymer 'MAGNESIUM ION' 'Mg 2'
NO3 non-polymer 'NITRATE ION' 'N O3 -1'
#
# COMPACT_ATOMS: atom_id res chain seq x y z
N VAL A 2 -11.84 22.29 -16.87
CA VAL A 2 -12.60 21.04 -16.77
C VAL A 2 -13.81 21.04 -17.70
N ASP A 3 -13.78 20.19 -18.71
CA ASP A 3 -14.85 20.11 -19.69
C ASP A 3 -16.20 19.77 -19.08
N GLN A 4 -17.25 19.85 -19.91
CA GLN A 4 -18.62 19.56 -19.47
C GLN A 4 -18.88 18.08 -19.26
N ALA A 5 -18.27 17.24 -20.10
CA ALA A 5 -18.50 15.80 -20.03
C ALA A 5 -18.04 15.27 -18.67
N THR A 6 -16.95 15.84 -18.15
CA THR A 6 -16.40 15.42 -16.88
C THR A 6 -17.29 15.87 -15.71
N LEU A 7 -17.85 17.07 -15.82
CA LEU A 7 -18.75 17.60 -14.80
C LEU A 7 -20.03 16.77 -14.63
N ASP A 8 -20.63 16.38 -15.75
CA ASP A 8 -21.80 15.51 -15.73
C ASP A 8 -21.54 14.24 -14.93
N LYS A 9 -20.44 13.56 -15.26
CA LYS A 9 -20.05 12.33 -14.57
C LYS A 9 -19.79 12.54 -13.08
N LEU A 10 -19.24 13.70 -12.71
CA LEU A 10 -19.00 13.99 -11.30
C LEU A 10 -20.30 14.16 -10.50
N GLU A 11 -21.21 14.98 -11.02
CA GLU A 11 -22.50 15.19 -10.39
C GLU A 11 -23.27 13.88 -10.25
N ALA A 12 -23.18 13.04 -11.27
CA ALA A 12 -23.84 11.74 -11.26
C ALA A 12 -23.16 10.84 -10.25
N GLY A 13 -21.84 10.95 -10.14
CA GLY A 13 -21.09 10.16 -9.17
C GLY A 13 -21.39 10.57 -7.75
N PHE A 14 -21.45 11.87 -7.49
CA PHE A 14 -21.77 12.36 -6.15
C PHE A 14 -23.14 11.86 -5.74
N LYS A 15 -24.09 11.97 -6.67
CA LYS A 15 -25.46 11.50 -6.45
C LYS A 15 -25.45 10.02 -6.10
N LYS A 16 -24.70 9.24 -6.86
CA LYS A 16 -24.63 7.80 -6.65
C LYS A 16 -24.15 7.48 -5.24
N LEU A 17 -23.15 8.23 -4.78
CA LEU A 17 -22.60 8.04 -3.44
C LEU A 17 -23.60 8.33 -2.32
N GLN A 18 -24.39 9.40 -2.48
CA GLN A 18 -25.37 9.76 -1.46
C GLN A 18 -26.43 8.67 -1.36
N GLU A 19 -26.83 8.15 -2.51
CA GLU A 19 -27.90 7.16 -2.59
C GLU A 19 -27.45 5.78 -2.11
N ALA A 20 -26.14 5.54 -2.09
CA ALA A 20 -25.60 4.26 -1.68
C ALA A 20 -25.63 4.20 -0.16
N SER A 21 -26.78 3.81 0.37
CA SER A 21 -27.06 3.88 1.81
C SER A 21 -26.13 3.03 2.65
N ASP A 22 -25.61 1.95 2.07
CA ASP A 22 -24.74 1.04 2.82
C ASP A 22 -23.27 1.15 2.44
N CYS A 23 -22.92 2.18 1.67
CA CYS A 23 -21.53 2.44 1.34
C CYS A 23 -20.79 3.02 2.53
N LYS A 24 -19.59 2.49 2.81
CA LYS A 24 -18.89 2.88 4.02
C LYS A 24 -17.49 3.44 3.75
N SER A 25 -17.23 3.85 2.51
CA SER A 25 -15.92 4.40 2.15
C SER A 25 -15.66 5.77 2.75
N LEU A 26 -14.40 6.11 2.93
CA LEU A 26 -13.99 7.45 3.37
C LEU A 26 -14.34 8.51 2.34
N LEU A 27 -14.37 8.11 1.06
CA LEU A 27 -14.79 9.01 -0.01
C LEU A 27 -16.21 9.53 0.25
N LYS A 28 -17.14 8.62 0.48
CA LYS A 28 -18.53 9.01 0.74
C LYS A 28 -18.63 9.85 2.01
N LYS A 29 -17.89 9.43 3.04
CA LYS A 29 -17.93 10.07 4.34
C LYS A 29 -17.43 11.52 4.26
N HIS A 30 -16.43 11.76 3.42
CA HIS A 30 -15.73 13.04 3.42
C HIS A 30 -16.01 13.93 2.21
N LEU A 31 -16.62 13.36 1.18
CA LEU A 31 -17.03 14.16 0.03
C LEU A 31 -18.37 14.81 0.32
N THR A 32 -18.34 15.89 1.09
CA THR A 32 -19.54 16.67 1.37
C THR A 32 -19.88 17.50 0.14
N LYS A 33 -21.11 17.99 0.06
CA LYS A 33 -21.49 18.87 -1.04
C LYS A 33 -20.56 20.06 -1.13
N ASP A 34 -20.24 20.65 0.03
CA ASP A 34 -19.33 21.79 0.07
C ASP A 34 -17.97 21.40 -0.50
N VAL A 35 -17.42 20.29 0.00
CA VAL A 35 -16.14 19.79 -0.48
C VAL A 35 -16.21 19.52 -1.98
N PHE A 36 -17.26 18.82 -2.39
CA PHE A 36 -17.50 18.49 -3.79
C PHE A 36 -17.49 19.72 -4.69
N ASP A 37 -18.30 20.71 -4.35
CA ASP A 37 -18.40 21.93 -5.16
C ASP A 37 -17.10 22.74 -5.17
N SER A 38 -16.35 22.69 -4.07
CA SER A 38 -15.14 23.49 -3.94
C SER A 38 -14.00 23.06 -4.87
N ILE A 39 -14.00 21.81 -5.32
CA ILE A 39 -12.87 21.30 -6.08
C ILE A 39 -13.23 20.65 -7.41
N LYS A 40 -14.53 20.52 -7.71
CA LYS A 40 -14.93 19.74 -8.87
C LYS A 40 -14.57 20.39 -10.20
N ASN A 41 -14.33 21.70 -10.19
CA ASN A 41 -13.96 22.41 -11.41
C ASN A 41 -12.45 22.62 -11.56
N LYS A 42 -11.67 22.03 -10.66
CA LYS A 42 -10.22 22.24 -10.67
C LYS A 42 -9.50 21.18 -11.51
N LYS A 43 -8.31 21.55 -11.99
CA LYS A 43 -7.52 20.65 -12.85
C LYS A 43 -6.03 20.88 -12.63
N THR A 44 -5.27 19.79 -12.63
CA THR A 44 -3.82 19.87 -12.48
C THR A 44 -3.11 20.15 -13.81
N GLY A 45 -1.80 20.35 -13.74
CA GLY A 45 -1.01 20.60 -14.94
C GLY A 45 -0.98 19.45 -15.92
N MET A 46 -1.21 18.24 -15.42
CA MET A 46 -1.26 17.07 -16.28
C MET A 46 -2.68 16.72 -16.69
N GLY A 47 -3.64 17.52 -16.23
CA GLY A 47 -5.02 17.36 -16.64
C GLY A 47 -5.82 16.41 -15.77
N ALA A 48 -5.29 16.06 -14.60
CA ALA A 48 -6.03 15.21 -13.68
C ALA A 48 -7.19 16.00 -13.10
N THR A 49 -8.38 15.42 -13.11
CA THR A 49 -9.55 16.07 -12.55
C THR A 49 -10.07 15.30 -11.34
N LEU A 50 -11.10 15.83 -10.70
CA LEU A 50 -11.72 15.16 -9.55
C LEU A 50 -12.25 13.78 -9.92
N LEU A 51 -12.67 13.63 -11.17
CA LEU A 51 -13.14 12.33 -11.64
C LEU A 51 -12.04 11.29 -11.58
N ASP A 52 -10.85 11.67 -12.04
CA ASP A 52 -9.69 10.79 -12.00
C ASP A 52 -9.32 10.41 -10.57
N VAL A 53 -9.74 11.23 -9.62
CA VAL A 53 -9.43 10.99 -8.21
C VAL A 53 -10.45 10.05 -7.56
N ILE A 54 -11.73 10.29 -7.81
CA ILE A 54 -12.80 9.61 -7.08
C ILE A 54 -13.44 8.45 -7.85
N GLN A 55 -13.07 8.30 -9.11
CA GLN A 55 -13.75 7.38 -10.01
C GLN A 55 -13.74 5.92 -9.51
N SER A 56 -12.64 5.51 -8.89
CA SER A 56 -12.52 4.13 -8.42
C SER A 56 -13.51 3.85 -7.30
N GLY A 57 -13.72 4.86 -6.44
CA GLY A 57 -14.63 4.77 -5.33
C GLY A 57 -16.09 4.91 -5.71
N VAL A 58 -16.36 5.60 -6.81
CA VAL A 58 -17.72 5.73 -7.31
C VAL A 58 -18.19 4.40 -7.89
N GLU A 59 -17.32 3.74 -8.64
CA GLU A 59 -17.68 2.50 -9.32
C GLU A 59 -17.62 1.31 -8.37
N ASN A 60 -16.70 1.37 -7.41
CA ASN A 60 -16.56 0.30 -6.43
C ASN A 60 -16.97 0.81 -5.06
N LEU A 61 -18.26 0.72 -4.77
CA LEU A 61 -18.81 1.29 -3.55
C LEU A 61 -18.34 0.57 -2.30
N ASP A 62 -17.78 -0.62 -2.50
CA ASP A 62 -17.23 -1.40 -1.40
C ASP A 62 -15.80 -0.97 -1.05
N SER A 63 -15.30 0.06 -1.73
CA SER A 63 -14.02 0.65 -1.40
C SER A 63 -13.97 1.06 0.07
N GLY A 64 -12.81 0.92 0.70
CA GLY A 64 -12.62 1.45 2.03
C GLY A 64 -12.27 2.92 2.01
N VAL A 65 -11.55 3.34 0.98
CA VAL A 65 -11.07 4.71 0.86
C VAL A 65 -11.66 5.37 -0.37
N GLY A 66 -11.32 4.85 -1.55
CA GLY A 66 -12.00 5.22 -2.78
C GLY A 66 -11.36 6.28 -3.66
N ILE A 67 -10.19 6.78 -3.26
CA ILE A 67 -9.53 7.81 -4.06
C ILE A 67 -8.06 7.52 -4.28
N TYR A 68 -7.51 8.10 -5.34
CA TYR A 68 -6.10 8.00 -5.64
C TYR A 68 -5.59 9.34 -6.16
N ALA A 69 -4.29 9.55 -6.10
CA ALA A 69 -3.70 10.74 -6.69
C ALA A 69 -3.09 10.39 -8.05
N PRO A 70 -3.65 10.97 -9.13
CA PRO A 70 -3.13 10.71 -10.47
C PRO A 70 -1.74 11.31 -10.65
N ASP A 71 -1.48 12.43 -9.97
CA ASP A 71 -0.15 13.04 -9.95
C ASP A 71 0.05 13.68 -8.58
N ALA A 72 1.26 14.16 -8.31
CA ALA A 72 1.58 14.72 -7.01
C ALA A 72 0.73 15.96 -6.72
N GLU A 73 0.51 16.77 -7.75
CA GLU A 73 -0.25 18.01 -7.59
C GLU A 73 -1.64 17.71 -7.03
N SER A 74 -2.20 16.57 -7.44
CA SER A 74 -3.55 16.18 -7.04
C SER A 74 -3.75 16.23 -5.53
N TYR A 75 -2.71 15.90 -4.78
CA TYR A 75 -2.79 15.87 -3.32
C TYR A 75 -3.11 17.24 -2.74
N ARG A 76 -2.69 18.28 -3.45
CA ARG A 76 -2.98 19.65 -3.01
C ARG A 76 -4.10 20.33 -3.78
N THR A 77 -4.13 20.14 -5.10
CA THR A 77 -5.20 20.69 -5.91
C THR A 77 -6.56 20.24 -5.36
N PHE A 78 -6.62 18.97 -4.97
CA PHE A 78 -7.85 18.40 -4.43
C PHE A 78 -7.70 18.16 -2.93
N GLY A 79 -6.87 18.99 -2.29
CA GLY A 79 -6.63 18.93 -0.86
C GLY A 79 -7.86 18.80 0.02
N PRO A 80 -8.91 19.59 -0.26
CA PRO A 80 -10.10 19.55 0.59
C PRO A 80 -10.73 18.15 0.67
N LEU A 81 -10.43 17.27 -0.27
CA LEU A 81 -10.90 15.89 -0.18
C LEU A 81 -9.81 15.00 0.41
N PHE A 82 -8.58 15.15 -0.07
CA PHE A 82 -7.46 14.35 0.42
C PHE A 82 -7.18 14.60 1.91
N ASP A 83 -7.22 15.87 2.32
CA ASP A 83 -6.81 16.25 3.67
C ASP A 83 -7.60 15.55 4.77
N PRO A 84 -8.95 15.58 4.67
CA PRO A 84 -9.76 14.93 5.71
C PRO A 84 -9.66 13.40 5.67
N ILE A 85 -9.50 12.85 4.47
CA ILE A 85 -9.40 11.41 4.30
C ILE A 85 -8.08 10.86 4.87
N ILE A 86 -7.01 11.59 4.61
CA ILE A 86 -5.69 11.23 5.11
C ILE A 86 -5.64 11.32 6.63
N ASP A 87 -6.21 12.40 7.17
CA ASP A 87 -6.28 12.60 8.61
C ASP A 87 -7.07 11.46 9.26
N ASP A 88 -8.14 11.07 8.60
CA ASP A 88 -9.03 10.02 9.09
C ASP A 88 -8.32 8.67 9.08
N TYR A 89 -7.79 8.28 7.92
CA TYR A 89 -7.20 6.96 7.75
C TYR A 89 -6.00 6.75 8.69
N HIS A 90 -5.12 7.75 8.77
CA HIS A 90 -3.85 7.59 9.47
C HIS A 90 -3.92 7.89 10.98
N GLY A 91 -5.13 8.04 11.51
CA GLY A 91 -5.34 8.15 12.94
C GLY A 91 -4.93 9.49 13.54
N GLY A 92 -5.06 10.55 12.75
CA GLY A 92 -4.78 11.89 13.23
C GLY A 92 -3.63 12.52 12.47
N PHE A 93 -3.94 13.49 11.62
CA PHE A 93 -2.92 14.21 10.86
C PHE A 93 -3.50 15.54 10.38
N LYS A 94 -3.19 16.61 11.11
CA LYS A 94 -3.81 17.92 10.89
C LYS A 94 -3.26 18.63 9.66
N LEU A 95 -3.96 19.68 9.22
CA LEU A 95 -3.55 20.45 8.05
C LEU A 95 -2.16 21.00 8.26
N THR A 96 -1.84 21.32 9.52
CA THR A 96 -0.57 21.94 9.85
C THR A 96 0.50 20.90 10.20
N ASP A 97 0.12 19.62 10.17
CA ASP A 97 1.07 18.57 10.51
C ASP A 97 1.97 18.26 9.32
N LYS A 98 3.17 17.79 9.61
CA LYS A 98 4.10 17.33 8.58
C LYS A 98 4.73 16.01 9.02
N HIS A 99 4.82 15.08 8.08
CA HIS A 99 5.43 13.79 8.36
C HIS A 99 6.88 13.95 8.80
N PRO A 100 7.31 13.18 9.81
CA PRO A 100 8.67 13.32 10.33
C PRO A 100 9.71 12.76 9.37
N PRO A 101 10.97 13.15 9.54
CA PRO A 101 12.04 12.61 8.70
C PRO A 101 12.15 11.09 8.85
N LYS A 102 12.62 10.43 7.79
CA LYS A 102 12.84 9.00 7.81
C LYS A 102 13.66 8.59 9.03
N GLN A 103 13.22 7.55 9.73
N GLN A 103 13.22 7.54 9.72
CA GLN A 103 13.95 7.02 10.88
CA GLN A 103 13.93 7.02 10.88
C GLN A 103 13.62 5.56 11.10
C GLN A 103 13.61 5.55 11.09
N TRP A 104 14.54 4.69 10.70
CA TRP A 104 14.34 3.25 10.85
C TRP A 104 14.30 2.84 12.32
N GLY A 105 14.96 3.63 13.16
CA GLY A 105 15.02 3.36 14.58
C GLY A 105 16.04 2.31 14.94
N ASP A 106 16.02 1.87 16.20
CA ASP A 106 16.99 0.90 16.68
C ASP A 106 16.47 -0.50 16.39
N ILE A 107 17.03 -1.11 15.34
CA ILE A 107 16.56 -2.40 14.85
C ILE A 107 16.75 -3.50 15.90
N ASN A 108 17.73 -3.29 16.77
CA ASN A 108 18.06 -4.26 17.80
C ASN A 108 17.00 -4.36 18.91
N THR A 109 16.04 -3.44 18.91
CA THR A 109 14.95 -3.47 19.89
C THR A 109 13.74 -4.31 19.46
N LEU A 110 13.76 -4.81 18.23
CA LEU A 110 12.70 -5.67 17.73
C LEU A 110 12.91 -7.10 18.18
N VAL A 111 11.81 -7.84 18.39
CA VAL A 111 11.89 -9.20 18.90
C VAL A 111 11.24 -10.24 17.98
N GLY A 112 11.44 -11.52 18.31
CA GLY A 112 10.75 -12.61 17.67
C GLY A 112 9.29 -12.66 18.08
N LEU A 113 8.38 -12.68 17.10
CA LEU A 113 6.97 -12.46 17.37
C LEU A 113 6.23 -13.66 17.96
N ASP A 114 6.76 -14.87 17.78
CA ASP A 114 6.04 -16.06 18.23
C ASP A 114 6.95 -17.27 18.39
N PRO A 115 7.77 -17.28 19.45
CA PRO A 115 8.85 -18.26 19.59
C PRO A 115 8.42 -19.73 19.46
N ALA A 116 7.28 -20.10 20.02
CA ALA A 116 6.86 -21.50 19.97
C ALA A 116 6.31 -21.90 18.61
N GLY A 117 6.06 -20.91 17.75
CA GLY A 117 5.70 -21.15 16.36
C GLY A 117 4.30 -21.67 16.10
N GLN A 118 3.40 -21.53 17.06
CA GLN A 118 2.06 -22.09 16.90
C GLN A 118 1.01 -21.11 16.33
N PHE A 119 1.38 -19.84 16.19
CA PHE A 119 0.41 -18.86 15.70
C PHE A 119 0.84 -18.20 14.39
N ILE A 120 2.07 -17.74 14.32
CA ILE A 120 2.52 -17.00 13.15
C ILE A 120 3.07 -17.92 12.06
N ILE A 121 2.63 -17.69 10.83
CA ILE A 121 3.09 -18.46 9.67
C ILE A 121 4.27 -17.81 8.96
N SER A 122 4.20 -16.51 8.74
CA SER A 122 5.23 -15.78 8.02
C SER A 122 5.16 -14.29 8.33
N THR A 123 6.27 -13.60 8.13
CA THR A 123 6.36 -12.17 8.43
C THR A 123 6.91 -11.41 7.23
N ARG A 124 6.35 -10.22 6.99
CA ARG A 124 6.65 -9.47 5.77
C ARG A 124 6.61 -7.97 6.07
N VAL A 125 7.58 -7.24 5.52
CA VAL A 125 7.54 -5.79 5.58
C VAL A 125 7.79 -5.21 4.19
N ARG A 126 6.91 -4.31 3.75
CA ARG A 126 7.10 -3.65 2.46
C ARG A 126 7.12 -2.14 2.56
N CYS A 127 7.78 -1.51 1.59
CA CYS A 127 7.67 -0.07 1.38
C CYS A 127 7.37 0.22 -0.08
N GLY A 128 6.97 1.44 -0.37
CA GLY A 128 6.73 1.86 -1.76
C GLY A 128 7.51 3.11 -2.09
N ARG A 129 7.84 3.28 -3.36
CA ARG A 129 8.56 4.47 -3.79
C ARG A 129 8.13 4.88 -5.18
N SER A 130 8.19 6.19 -5.43
CA SER A 130 7.91 6.73 -6.74
C SER A 130 9.16 7.38 -7.29
N LEU A 131 9.41 7.17 -8.58
CA LEU A 131 10.59 7.74 -9.20
C LEU A 131 10.35 9.21 -9.51
N GLN A 132 11.29 10.05 -9.12
CA GLN A 132 11.23 11.47 -9.45
C GLN A 132 11.20 11.61 -10.97
N GLY A 133 10.32 12.49 -11.46
CA GLY A 133 10.21 12.72 -12.89
C GLY A 133 9.12 11.91 -13.57
N TYR A 134 8.50 11.01 -12.81
CA TYR A 134 7.39 10.23 -13.35
C TYR A 134 6.12 10.44 -12.52
N PRO A 135 4.98 10.67 -13.20
CA PRO A 135 3.72 10.79 -12.48
C PRO A 135 3.20 9.40 -12.08
N PHE A 136 2.08 9.35 -11.38
CA PHE A 136 1.50 8.07 -10.98
C PHE A 136 0.79 7.40 -12.16
N ASN A 137 0.41 6.13 -11.95
CA ASN A 137 -0.08 5.27 -13.03
C ASN A 137 -1.00 5.92 -14.07
N PRO A 138 -2.03 6.65 -13.63
CA PRO A 138 -3.03 7.11 -14.61
C PRO A 138 -2.48 8.12 -15.60
N CYS A 139 -1.32 8.71 -15.30
CA CYS A 139 -0.75 9.73 -16.18
C CYS A 139 0.44 9.20 -16.97
N LEU A 140 0.78 7.92 -16.78
CA LEU A 140 1.89 7.31 -17.49
C LEU A 140 1.50 6.85 -18.89
N THR A 141 2.44 6.97 -19.82
CA THR A 141 2.30 6.39 -21.15
C THR A 141 2.93 5.00 -21.16
N ALA A 142 2.63 4.23 -22.19
CA ALA A 142 3.25 2.92 -22.36
C ALA A 142 4.76 3.04 -22.35
N GLU A 143 5.28 4.02 -23.08
CA GLU A 143 6.72 4.22 -23.21
C GLU A 143 7.36 4.49 -21.85
N GLN A 144 6.68 5.27 -21.01
CA GLN A 144 7.17 5.58 -19.68
C GLN A 144 7.27 4.33 -18.83
N TYR A 145 6.28 3.44 -18.92
CA TYR A 145 6.37 2.16 -18.23
C TYR A 145 7.66 1.42 -18.59
N LYS A 146 7.99 1.41 -19.87
CA LYS A 146 9.18 0.74 -20.37
C LYS A 146 10.44 1.45 -19.89
N GLU A 147 10.41 2.78 -19.88
CA GLU A 147 11.56 3.56 -19.45
C GLU A 147 11.84 3.25 -17.99
N MET A 148 10.79 3.28 -17.17
CA MET A 148 10.93 3.03 -15.74
C MET A 148 11.39 1.62 -15.45
N GLU A 149 10.80 0.65 -16.13
CA GLU A 149 11.20 -0.75 -15.97
C GLU A 149 12.70 -0.91 -16.22
N GLU A 150 13.18 -0.27 -17.28
CA GLU A 150 14.59 -0.31 -17.64
C GLU A 150 15.46 0.26 -16.52
N LYS A 151 15.08 1.44 -16.05
CA LYS A 151 15.85 2.14 -15.03
C LYS A 151 15.93 1.33 -13.74
N VAL A 152 14.79 0.79 -13.31
CA VAL A 152 14.73 0.08 -12.04
C VAL A 152 15.47 -1.26 -12.12
N SER A 153 15.24 -2.00 -13.19
CA SER A 153 15.89 -3.29 -13.38
C SER A 153 17.41 -3.15 -13.51
N SER A 154 17.84 -2.11 -14.21
CA SER A 154 19.26 -1.82 -14.36
C SER A 154 19.88 -1.49 -13.01
N THR A 155 19.17 -0.71 -12.20
CA THR A 155 19.65 -0.37 -10.87
C THR A 155 19.76 -1.62 -9.99
N LEU A 156 18.76 -2.49 -10.05
CA LEU A 156 18.73 -3.67 -9.18
C LEU A 156 19.74 -4.73 -9.59
N SER A 157 20.23 -4.64 -10.82
CA SER A 157 21.29 -5.55 -11.28
C SER A 157 22.58 -5.34 -10.49
N SER A 158 22.67 -4.22 -9.78
CA SER A 158 23.86 -3.91 -9.01
C SER A 158 23.76 -4.36 -7.56
N MET A 159 22.63 -4.98 -7.19
CA MET A 159 22.46 -5.50 -5.84
C MET A 159 23.42 -6.66 -5.61
N GLU A 160 23.94 -6.76 -4.40
CA GLU A 160 24.97 -7.76 -4.10
C GLU A 160 24.63 -8.59 -2.87
N ASP A 161 25.36 -9.68 -2.69
CA ASP A 161 25.22 -10.55 -1.53
C ASP A 161 23.80 -11.09 -1.41
N GLU A 162 23.23 -10.97 -0.22
CA GLU A 162 21.89 -11.50 0.03
C GLU A 162 20.88 -10.89 -0.93
N LEU A 163 21.14 -9.66 -1.34
CA LEU A 163 20.16 -8.90 -2.11
C LEU A 163 20.33 -9.11 -3.61
N LYS A 164 21.45 -9.70 -4.01
CA LYS A 164 21.68 -10.01 -5.42
C LYS A 164 20.57 -10.91 -5.93
N GLY A 165 20.10 -10.65 -7.15
CA GLY A 165 18.98 -11.40 -7.70
C GLY A 165 18.76 -11.15 -9.18
N THR A 166 17.59 -11.56 -9.67
CA THR A 166 17.27 -11.48 -11.10
C THR A 166 15.92 -10.80 -11.33
N TYR A 167 15.83 -9.97 -12.38
CA TYR A 167 14.55 -9.37 -12.76
C TYR A 167 13.75 -10.24 -13.73
N TYR A 168 12.49 -10.46 -13.40
CA TYR A 168 11.60 -11.26 -14.23
C TYR A 168 10.44 -10.42 -14.74
N PRO A 169 10.47 -10.03 -16.03
CA PRO A 169 9.37 -9.25 -16.59
C PRO A 169 8.08 -10.05 -16.60
N LEU A 170 6.95 -9.36 -16.47
CA LEU A 170 5.66 -10.02 -16.56
C LEU A 170 5.40 -10.39 -18.02
N THR A 171 5.88 -9.55 -18.94
CA THR A 171 5.82 -9.85 -20.36
C THR A 171 6.75 -11.02 -20.69
N GLY A 172 6.17 -12.08 -21.20
CA GLY A 172 6.93 -13.27 -21.53
C GLY A 172 6.95 -14.28 -20.40
N MET A 173 6.50 -13.86 -19.23
CA MET A 173 6.43 -14.77 -18.08
C MET A 173 5.27 -15.73 -18.33
N SER A 174 5.51 -17.01 -18.07
CA SER A 174 4.49 -18.03 -18.29
C SER A 174 3.34 -17.87 -17.30
N LYS A 175 2.15 -18.27 -17.73
CA LYS A 175 0.98 -18.19 -16.87
C LYS A 175 1.21 -19.04 -15.62
N ALA A 176 1.85 -20.19 -15.82
CA ALA A 176 2.14 -21.10 -14.72
C ALA A 176 3.12 -20.48 -13.72
N THR A 177 4.16 -19.83 -14.23
CA THR A 177 5.18 -19.23 -13.37
C THR A 177 4.59 -18.05 -12.59
N GLN A 178 3.84 -17.21 -13.30
CA GLN A 178 3.16 -16.08 -12.70
C GLN A 178 2.18 -16.54 -11.62
N GLN A 179 1.33 -17.49 -11.97
CA GLN A 179 0.33 -17.98 -11.03
C GLN A 179 0.91 -18.61 -9.76
N GLN A 180 2.02 -19.32 -9.89
CA GLN A 180 2.64 -19.89 -8.69
C GLN A 180 3.22 -18.80 -7.81
N LEU A 181 3.82 -17.78 -8.42
CA LEU A 181 4.40 -16.67 -7.67
C LEU A 181 3.33 -15.87 -6.91
N ILE A 182 2.13 -15.78 -7.49
CA ILE A 182 1.05 -15.09 -6.82
C ILE A 182 0.52 -15.96 -5.69
N ASP A 183 0.36 -17.25 -5.98
CA ASP A 183 -0.15 -18.20 -4.99
C ASP A 183 0.77 -18.31 -3.78
N ASP A 184 2.08 -18.21 -4.02
CA ASP A 184 3.06 -18.33 -2.95
C ASP A 184 3.25 -17.00 -2.22
N HIS A 185 2.43 -16.01 -2.58
CA HIS A 185 2.39 -14.73 -1.87
C HIS A 185 3.55 -13.81 -2.24
N PHE A 186 4.20 -14.10 -3.37
CA PHE A 186 5.36 -13.32 -3.80
C PHE A 186 5.05 -12.21 -4.80
N LEU A 187 4.23 -12.50 -5.81
CA LEU A 187 3.98 -11.54 -6.87
C LEU A 187 2.62 -10.87 -6.69
N PHE A 188 2.53 -9.59 -7.06
CA PHE A 188 1.27 -8.87 -7.00
C PHE A 188 0.27 -9.55 -7.90
N LYS A 189 -0.99 -9.54 -7.50
CA LYS A 189 -2.02 -10.15 -8.32
C LYS A 189 -2.29 -9.31 -9.58
N GLU A 190 -2.83 -9.95 -10.59
CA GLU A 190 -3.20 -9.27 -11.83
C GLU A 190 -4.67 -8.95 -11.85
N GLY A 191 -5.03 -7.77 -12.34
CA GLY A 191 -6.43 -7.44 -12.55
C GLY A 191 -7.21 -7.08 -11.31
N ASP A 192 -6.76 -6.05 -10.59
CA ASP A 192 -7.46 -5.57 -9.38
C ASP A 192 -8.48 -4.51 -9.77
N ARG A 193 -9.75 -4.74 -9.44
CA ARG A 193 -10.84 -3.89 -9.92
C ARG A 193 -10.75 -2.45 -9.42
N PHE A 194 -10.20 -2.26 -8.22
CA PHE A 194 -10.07 -0.92 -7.67
C PHE A 194 -9.02 -0.11 -8.43
N LEU A 195 -7.91 -0.76 -8.77
CA LEU A 195 -6.84 -0.14 -9.54
C LEU A 195 -7.25 0.09 -10.99
N GLN A 196 -7.95 -0.90 -11.55
CA GLN A 196 -8.37 -0.84 -12.94
C GLN A 196 -9.22 0.38 -13.19
N THR A 197 -10.23 0.60 -12.34
CA THR A 197 -11.15 1.72 -12.54
C THR A 197 -10.51 3.07 -12.21
N ALA A 198 -9.36 3.03 -11.55
CA ALA A 198 -8.55 4.23 -11.33
C ALA A 198 -7.61 4.49 -12.52
N ASN A 199 -7.78 3.69 -13.58
CA ASN A 199 -6.89 3.73 -14.74
C ASN A 199 -5.44 3.55 -14.35
N ALA A 200 -5.19 2.64 -13.42
CA ALA A 200 -3.85 2.36 -12.93
C ALA A 200 -3.19 1.16 -13.61
N CYS A 201 -3.94 0.47 -14.46
CA CYS A 201 -3.45 -0.78 -15.07
C CYS A 201 -3.37 -0.71 -16.58
N ARG A 202 -3.29 0.50 -17.13
CA ARG A 202 -3.25 0.66 -18.58
C ARG A 202 -2.01 -0.02 -19.15
N TYR A 203 -2.15 -0.55 -20.36
CA TYR A 203 -1.04 -1.13 -21.12
C TYR A 203 -0.50 -2.42 -20.51
N TRP A 204 -1.22 -2.96 -19.53
CA TRP A 204 -0.80 -4.16 -18.83
C TRP A 204 -0.55 -5.25 -19.87
N PRO A 205 0.53 -6.05 -19.69
CA PRO A 205 1.51 -6.09 -18.60
C PRO A 205 2.81 -5.35 -18.91
N THR A 206 2.78 -4.47 -19.90
CA THR A 206 3.98 -3.75 -20.33
C THR A 206 4.60 -2.98 -19.17
N GLY A 207 5.90 -3.18 -18.95
CA GLY A 207 6.61 -2.47 -17.90
C GLY A 207 6.47 -3.04 -16.50
N ARG A 208 5.65 -4.07 -16.36
CA ARG A 208 5.41 -4.67 -15.04
C ARG A 208 6.33 -5.87 -14.88
N GLY A 209 6.74 -6.14 -13.64
CA GLY A 209 7.55 -7.31 -13.35
C GLY A 209 8.00 -7.38 -11.90
N ILE A 210 8.84 -8.36 -11.59
CA ILE A 210 9.31 -8.55 -10.24
C ILE A 210 10.80 -8.92 -10.20
N PHE A 211 11.56 -8.24 -9.34
CA PHE A 211 12.92 -8.64 -9.02
C PHE A 211 12.94 -9.40 -7.70
N HIS A 212 13.72 -10.46 -7.61
CA HIS A 212 13.95 -11.13 -6.33
C HIS A 212 15.24 -11.94 -6.28
N ASN A 213 15.78 -12.10 -5.08
CA ASN A 213 16.89 -13.04 -4.85
C ASN A 213 16.40 -14.47 -4.93
N ASP A 214 17.31 -15.43 -5.03
CA ASP A 214 16.92 -16.81 -5.30
C ASP A 214 16.05 -17.37 -4.17
N ALA A 215 16.33 -16.92 -2.94
CA ALA A 215 15.57 -17.40 -1.80
C ALA A 215 14.20 -16.72 -1.73
N LYS A 216 14.04 -15.65 -2.51
CA LYS A 216 12.78 -14.91 -2.53
C LYS A 216 12.42 -14.35 -1.17
N THR A 217 13.43 -13.83 -0.47
CA THR A 217 13.22 -13.12 0.79
C THR A 217 13.32 -11.61 0.55
N PHE A 218 13.83 -11.23 -0.61
CA PHE A 218 13.91 -9.84 -1.01
C PHE A 218 13.32 -9.69 -2.40
N LEU A 219 12.31 -8.83 -2.53
CA LEU A 219 11.61 -8.68 -3.80
C LEU A 219 11.33 -7.21 -4.08
N VAL A 220 11.22 -6.86 -5.36
CA VAL A 220 10.79 -5.53 -5.73
C VAL A 220 9.72 -5.62 -6.82
N TRP A 221 8.54 -5.07 -6.55
CA TRP A 221 7.50 -4.99 -7.57
C TRP A 221 7.75 -3.75 -8.40
N VAL A 222 7.71 -3.92 -9.71
CA VAL A 222 7.90 -2.80 -10.62
C VAL A 222 6.59 -2.50 -11.32
N ASN A 223 6.09 -1.28 -11.14
CA ASN A 223 4.94 -0.78 -11.88
C ASN A 223 3.61 -1.48 -11.65
N GLU A 224 3.38 -1.94 -10.42
CA GLU A 224 2.02 -2.32 -10.06
C GLU A 224 1.32 -1.05 -9.57
N GLU A 225 0.87 -1.04 -8.33
CA GLU A 225 0.17 0.13 -7.82
C GLU A 225 1.13 1.30 -7.69
N ASP A 226 2.34 1.04 -7.23
CA ASP A 226 3.38 2.06 -7.18
C ASP A 226 4.54 1.71 -8.11
N HIS A 227 5.40 2.68 -8.41
CA HIS A 227 6.53 2.43 -9.29
C HIS A 227 7.38 1.30 -8.72
N LEU A 228 7.66 1.38 -7.42
CA LEU A 228 8.37 0.30 -6.74
C LEU A 228 7.66 -0.10 -5.45
N ARG A 229 7.60 -1.40 -5.20
CA ARG A 229 7.35 -1.90 -3.85
C ARG A 229 8.54 -2.75 -3.46
N ILE A 230 9.14 -2.41 -2.33
CA ILE A 230 10.37 -3.06 -1.91
C ILE A 230 9.99 -3.93 -0.73
N ILE A 231 10.26 -5.22 -0.85
CA ILE A 231 9.63 -6.19 0.04
C ILE A 231 10.68 -7.11 0.66
N SER A 232 10.53 -7.33 1.96
CA SER A 232 11.29 -8.36 2.66
C SER A 232 10.31 -9.29 3.33
N MET A 233 10.50 -10.60 3.18
CA MET A 233 9.59 -11.57 3.78
C MET A 233 10.23 -12.95 3.90
N GLN A 234 9.73 -13.73 4.86
CA GLN A 234 10.15 -15.10 5.06
C GLN A 234 9.18 -15.84 5.99
N LYS A 235 9.26 -17.16 6.01
CA LYS A 235 8.51 -17.95 6.97
C LYS A 235 8.95 -17.60 8.39
N GLY A 236 8.09 -17.87 9.36
CA GLY A 236 8.39 -17.60 10.75
C GLY A 236 8.13 -16.18 11.22
N GLY A 237 8.62 -15.88 12.43
CA GLY A 237 8.30 -14.63 13.10
C GLY A 237 9.51 -13.76 13.42
N ASP A 238 10.60 -13.95 12.68
CA ASP A 238 11.82 -13.20 12.95
C ASP A 238 11.71 -11.83 12.29
N LEU A 239 10.96 -10.94 12.93
CA LEU A 239 10.71 -9.60 12.43
C LEU A 239 11.99 -8.78 12.31
N LYS A 240 12.87 -8.96 13.27
CA LYS A 240 14.14 -8.23 13.31
C LYS A 240 14.94 -8.43 12.03
N THR A 241 15.10 -9.68 11.60
CA THR A 241 15.83 -9.97 10.36
C THR A 241 15.13 -9.38 9.14
N VAL A 242 13.81 -9.59 9.09
CA VAL A 242 13.01 -9.10 7.96
C VAL A 242 13.14 -7.59 7.82
N TYR A 243 13.02 -6.87 8.93
CA TYR A 243 13.09 -5.42 8.94
C TYR A 243 14.49 -4.96 8.58
N LYS A 244 15.50 -5.62 9.15
CA LYS A 244 16.90 -5.31 8.86
C LYS A 244 17.23 -5.47 7.39
N ARG A 245 16.69 -6.52 6.77
CA ARG A 245 16.92 -6.75 5.35
C ARG A 245 16.27 -5.66 4.52
N LEU A 246 15.05 -5.28 4.88
CA LEU A 246 14.36 -4.19 4.20
C LEU A 246 15.15 -2.89 4.30
N VAL A 247 15.62 -2.57 5.49
CA VAL A 247 16.40 -1.36 5.70
C VAL A 247 17.65 -1.33 4.79
N THR A 248 18.41 -2.42 4.82
CA THR A 248 19.60 -2.54 3.99
C THR A 248 19.25 -2.29 2.53
N ALA A 249 18.18 -2.94 2.07
CA ALA A 249 17.78 -2.87 0.66
C ALA A 249 17.37 -1.46 0.27
N VAL A 250 16.51 -0.85 1.08
CA VAL A 250 16.01 0.49 0.79
C VAL A 250 17.13 1.52 0.83
N ASP A 251 18.02 1.40 1.82
CA ASP A 251 19.14 2.32 1.94
C ASP A 251 20.01 2.24 0.70
N ASN A 252 20.23 1.03 0.21
CA ASN A 252 21.08 0.82 -0.95
C ASN A 252 20.46 1.36 -2.23
N ILE A 253 19.19 1.07 -2.43
CA ILE A 253 18.47 1.54 -3.61
C ILE A 253 18.33 3.07 -3.62
N GLU A 254 18.11 3.65 -2.45
CA GLU A 254 17.97 5.09 -2.32
C GLU A 254 19.21 5.85 -2.76
N SER A 255 20.38 5.24 -2.60
CA SER A 255 21.63 5.89 -3.02
C SER A 255 21.76 5.92 -4.54
N LYS A 256 20.93 5.13 -5.22
CA LYS A 256 21.08 4.94 -6.66
C LYS A 256 19.95 5.57 -7.46
N LEU A 257 18.74 5.53 -6.92
CA LEU A 257 17.57 6.03 -7.64
C LEU A 257 16.96 7.19 -6.86
N PRO A 258 16.54 8.24 -7.58
CA PRO A 258 15.90 9.42 -6.96
C PRO A 258 14.42 9.16 -6.75
N PHE A 259 13.96 9.22 -5.49
CA PHE A 259 12.56 8.98 -5.19
C PHE A 259 11.86 10.25 -4.73
N SER A 260 10.55 10.33 -5.01
CA SER A 260 9.78 11.52 -4.71
C SER A 260 9.49 11.62 -3.22
N HIS A 261 9.83 12.76 -2.64
CA HIS A 261 9.59 13.02 -1.23
C HIS A 261 8.96 14.40 -1.07
N ASP A 262 8.03 14.52 -0.14
CA ASP A 262 7.28 15.75 0.05
C ASP A 262 7.49 16.19 1.49
N ASP A 263 7.69 17.48 1.69
CA ASP A 263 7.95 18.02 3.03
C ASP A 263 6.84 17.67 4.01
N ARG A 264 5.61 17.59 3.53
CA ARG A 264 4.47 17.30 4.39
C ARG A 264 4.09 15.83 4.41
N PHE A 265 4.07 15.19 3.24
CA PHE A 265 3.51 13.84 3.12
C PHE A 265 4.55 12.73 3.14
N GLY A 266 5.80 13.08 3.37
CA GLY A 266 6.87 12.10 3.35
C GLY A 266 7.00 11.53 1.96
N PHE A 267 7.27 10.24 1.85
CA PHE A 267 7.40 9.62 0.53
C PHE A 267 6.04 9.54 -0.15
N LEU A 268 5.99 9.98 -1.40
CA LEU A 268 4.74 10.04 -2.14
C LEU A 268 4.37 8.70 -2.75
N THR A 269 3.08 8.38 -2.72
CA THR A 269 2.56 7.14 -3.26
C THR A 269 1.23 7.41 -3.98
N PHE A 270 0.76 6.42 -4.72
CA PHE A 270 -0.43 6.56 -5.55
C PHE A 270 -1.71 6.61 -4.70
N CYS A 271 -1.75 5.79 -3.65
CA CYS A 271 -2.87 5.82 -2.72
C CYS A 271 -2.49 6.61 -1.47
N PRO A 272 -3.42 7.43 -0.96
CA PRO A 272 -3.15 8.20 0.25
C PRO A 272 -2.89 7.33 1.49
N THR A 273 -3.32 6.07 1.45
CA THR A 273 -3.08 5.17 2.58
C THR A 273 -1.61 4.79 2.70
N ASN A 274 -0.84 5.01 1.64
CA ASN A 274 0.54 4.55 1.58
C ASN A 274 1.57 5.66 1.74
N LEU A 275 1.09 6.86 2.05
CA LEU A 275 1.98 8.01 2.18
C LEU A 275 2.88 7.87 3.40
N GLY A 276 3.90 8.72 3.50
CA GLY A 276 4.66 8.84 4.73
C GLY A 276 5.82 7.86 4.81
N THR A 277 5.65 6.83 5.64
CA THR A 277 6.63 5.74 5.72
C THR A 277 6.44 4.76 4.57
N THR A 278 5.23 4.77 4.00
CA THR A 278 4.85 3.82 2.96
C THR A 278 4.91 2.37 3.44
N MET A 279 5.01 2.19 4.74
CA MET A 279 5.37 0.89 5.30
C MET A 279 4.16 0.08 5.76
N ARG A 280 4.11 -1.17 5.30
CA ARG A 280 3.14 -2.12 5.81
C ARG A 280 3.87 -3.35 6.28
N ALA A 281 3.91 -3.53 7.60
CA ALA A 281 4.55 -4.68 8.21
C ALA A 281 3.41 -5.61 8.61
N SER A 282 3.48 -6.85 8.16
CA SER A 282 2.38 -7.77 8.37
C SER A 282 2.83 -9.15 8.78
N VAL A 283 1.94 -9.89 9.41
CA VAL A 283 2.12 -11.31 9.62
C VAL A 283 0.96 -12.09 9.01
N HIS A 284 1.23 -13.32 8.59
CA HIS A 284 0.18 -14.29 8.37
C HIS A 284 0.08 -15.11 9.64
N ILE A 285 -1.08 -15.06 10.28
CA ILE A 285 -1.20 -15.57 11.63
C ILE A 285 -2.53 -16.30 11.84
N GLN A 286 -2.49 -17.34 12.66
CA GLN A 286 -3.71 -18.02 13.08
C GLN A 286 -4.02 -17.72 14.54
N LEU A 287 -5.28 -17.36 14.78
CA LEU A 287 -5.75 -17.05 16.11
C LEU A 287 -7.16 -17.60 16.23
N PRO A 288 -7.28 -18.94 16.33
CA PRO A 288 -8.56 -19.64 16.20
C PRO A 288 -9.61 -19.18 17.23
N LYS A 289 -9.17 -18.89 18.45
CA LYS A 289 -10.10 -18.44 19.48
C LYS A 289 -10.56 -17.01 19.24
N LEU A 290 -9.62 -16.12 18.92
CA LEU A 290 -9.95 -14.72 18.66
C LEU A 290 -10.64 -14.52 17.31
N ALA A 291 -10.31 -15.40 16.36
CA ALA A 291 -10.83 -15.28 14.99
C ALA A 291 -12.16 -16.00 14.74
N LYS A 292 -12.79 -16.48 15.81
CA LYS A 292 -14.09 -17.17 15.69
C LYS A 292 -15.14 -16.31 14.98
N ASP A 293 -14.80 -15.06 14.71
CA ASP A 293 -15.64 -14.16 13.94
C ASP A 293 -14.77 -13.03 13.41
N ARG A 294 -14.53 -13.01 12.09
CA ARG A 294 -13.56 -12.07 11.55
C ARG A 294 -13.84 -10.63 11.97
N LYS A 295 -15.08 -10.32 12.33
CA LYS A 295 -15.38 -8.96 12.77
C LYS A 295 -14.92 -8.70 14.20
N VAL A 296 -15.00 -9.72 15.05
CA VAL A 296 -14.47 -9.62 16.41
C VAL A 296 -12.96 -9.47 16.37
N LEU A 297 -12.33 -10.22 15.46
CA LEU A 297 -10.91 -10.11 15.23
C LEU A 297 -10.55 -8.69 14.80
N GLU A 298 -11.27 -8.17 13.81
CA GLU A 298 -11.02 -6.82 13.31
C GLU A 298 -11.24 -5.74 14.38
N ASP A 299 -12.22 -5.96 15.26
CA ASP A 299 -12.51 -5.00 16.32
C ASP A 299 -11.40 -5.02 17.36
N ILE A 300 -10.87 -6.21 17.63
CA ILE A 300 -9.74 -6.37 18.53
C ILE A 300 -8.51 -5.68 17.92
N ALA A 301 -8.25 -5.97 16.65
CA ALA A 301 -7.10 -5.42 15.94
C ALA A 301 -7.12 -3.89 15.86
N SER A 302 -8.29 -3.33 15.63
CA SER A 302 -8.42 -1.88 15.42
C SER A 302 -7.94 -1.06 16.62
N LYS A 303 -8.11 -1.62 17.82
CA LYS A 303 -7.70 -0.91 19.04
C LYS A 303 -6.18 -0.87 19.14
N PHE A 304 -5.53 -1.74 18.38
CA PHE A 304 -4.06 -1.79 18.31
C PHE A 304 -3.57 -1.08 17.06
N ASN A 305 -4.47 -0.34 16.40
CA ASN A 305 -4.14 0.36 15.15
C ASN A 305 -3.70 -0.61 14.06
N LEU A 306 -4.27 -1.82 14.06
CA LEU A 306 -3.94 -2.82 13.06
C LEU A 306 -5.08 -3.07 12.08
N GLN A 307 -4.74 -3.55 10.88
CA GLN A 307 -5.72 -3.85 9.85
C GLN A 307 -5.71 -5.35 9.58
N VAL A 308 -6.89 -5.91 9.32
CA VAL A 308 -7.01 -7.33 9.01
C VAL A 308 -7.33 -7.54 7.53
N ARG A 309 -6.56 -8.39 6.87
CA ARG A 309 -6.79 -8.75 5.48
C ARG A 309 -6.84 -10.27 5.32
N GLY A 310 -7.37 -10.72 4.19
CA GLY A 310 -7.45 -12.14 3.88
C GLY A 310 -6.11 -12.74 3.49
N THR A 311 -6.09 -14.04 3.25
CA THR A 311 -4.85 -14.75 3.00
C THR A 311 -4.13 -14.35 1.70
N ARG A 312 -4.88 -13.97 0.68
CA ARG A 312 -4.27 -13.57 -0.60
C ARG A 312 -4.14 -12.05 -0.74
N GLY A 313 -4.36 -11.34 0.37
CA GLY A 313 -4.22 -9.90 0.43
C GLY A 313 -5.53 -9.19 0.71
N GLU A 314 -5.52 -7.86 0.63
CA GLU A 314 -6.74 -7.07 0.84
C GLU A 314 -7.86 -7.51 -0.10
N HIS A 315 -9.11 -7.31 0.35
CA HIS A 315 -10.28 -7.63 -0.46
C HIS A 315 -10.41 -9.13 -0.70
N THR A 316 -9.79 -9.93 0.17
CA THR A 316 -9.92 -11.38 0.10
C THR A 316 -10.32 -11.95 1.45
N GLU A 317 -10.80 -13.18 1.43
CA GLU A 317 -11.20 -13.87 2.64
C GLU A 317 -10.02 -14.59 3.29
N SER A 318 -10.15 -14.90 4.57
CA SER A 318 -9.23 -15.81 5.23
C SER A 318 -9.41 -17.22 4.68
N GLU A 319 -8.30 -17.93 4.46
CA GLU A 319 -8.37 -19.32 4.07
C GLU A 319 -7.70 -20.15 5.14
N GLY A 320 -8.42 -21.16 5.63
CA GLY A 320 -7.89 -22.06 6.64
C GLY A 320 -7.53 -21.34 7.92
N GLY A 321 -8.25 -20.26 8.22
CA GLY A 321 -8.00 -19.49 9.43
C GLY A 321 -6.76 -18.61 9.42
N VAL A 322 -6.17 -18.40 8.25
CA VAL A 322 -4.94 -17.61 8.17
C VAL A 322 -5.26 -16.18 7.77
N TYR A 323 -4.96 -15.24 8.66
CA TYR A 323 -5.20 -13.82 8.41
C TYR A 323 -3.91 -13.02 8.22
N ASP A 324 -4.03 -11.97 7.41
CA ASP A 324 -2.98 -10.98 7.24
C ASP A 324 -3.28 -9.84 8.19
N ILE A 325 -2.43 -9.63 9.19
CA ILE A 325 -2.63 -8.55 10.16
C ILE A 325 -1.42 -7.63 10.14
N SER A 326 -1.67 -6.32 10.04
CA SER A 326 -0.59 -5.36 9.80
C SER A 326 -0.89 -3.99 10.42
N ASN A 327 0.14 -3.17 10.57
CA ASN A 327 -0.08 -1.77 10.92
C ASN A 327 -0.91 -1.09 9.85
N LYS A 328 -1.92 -0.33 10.28
CA LYS A 328 -2.77 0.43 9.37
C LYS A 328 -2.15 1.76 8.99
N ARG A 329 -1.59 2.45 9.98
CA ARG A 329 -1.07 3.80 9.80
C ARG A 329 0.31 3.79 9.15
N ARG A 330 0.57 4.76 8.28
CA ARG A 330 1.86 4.85 7.60
C ARG A 330 2.40 6.27 7.62
N LEU A 331 1.51 7.24 7.80
CA LEU A 331 1.86 8.65 7.75
C LEU A 331 1.67 9.32 9.11
N GLY A 332 2.59 10.20 9.47
CA GLY A 332 2.56 10.88 10.75
C GLY A 332 3.19 10.07 11.87
N LEU A 333 3.97 9.08 11.48
CA LEU A 333 4.77 8.29 12.42
C LEU A 333 6.01 7.78 11.68
N THR A 334 7.07 7.50 12.42
CA THR A 334 8.31 7.04 11.81
C THR A 334 8.21 5.58 11.35
N GLU A 335 9.17 5.17 10.54
CA GLU A 335 9.28 3.78 10.15
C GLU A 335 9.34 2.88 11.38
N TYR A 336 10.15 3.27 12.35
CA TYR A 336 10.29 2.49 13.58
C TYR A 336 8.95 2.37 14.30
N GLN A 337 8.24 3.48 14.43
CA GLN A 337 6.94 3.48 15.11
C GLN A 337 5.93 2.60 14.40
N ALA A 338 5.97 2.60 13.08
CA ALA A 338 5.04 1.80 12.27
C ALA A 338 5.26 0.31 12.48
N VAL A 339 6.51 -0.14 12.40
CA VAL A 339 6.82 -1.55 12.58
C VAL A 339 6.58 -2.00 14.03
N ARG A 340 6.79 -1.09 14.97
CA ARG A 340 6.54 -1.38 16.37
C ARG A 340 5.05 -1.56 16.68
N GLU A 341 4.20 -0.81 15.99
CA GLU A 341 2.76 -0.98 16.16
C GLU A 341 2.31 -2.39 15.78
N MET A 342 2.87 -2.93 14.71
CA MET A 342 2.56 -4.31 14.34
C MET A 342 3.12 -5.29 15.38
N GLN A 343 4.41 -5.15 15.71
CA GLN A 343 5.04 -6.04 16.68
C GLN A 343 4.27 -6.04 17.98
N ASP A 344 4.01 -4.84 18.51
CA ASP A 344 3.40 -4.69 19.81
C ASP A 344 1.98 -5.24 19.81
N GLY A 345 1.26 -4.97 18.73
CA GLY A 345 -0.11 -5.43 18.60
C GLY A 345 -0.21 -6.93 18.47
N ILE A 346 0.68 -7.52 17.66
CA ILE A 346 0.67 -8.95 17.45
C ILE A 346 1.06 -9.72 18.72
N LEU A 347 2.03 -9.19 19.45
CA LEU A 347 2.46 -9.81 20.69
C LEU A 347 1.33 -9.86 21.73
N GLU A 348 0.55 -8.79 21.81
CA GLU A 348 -0.54 -8.72 22.78
C GLU A 348 -1.73 -9.59 22.34
N MET A 349 -2.00 -9.60 21.05
CA MET A 349 -3.07 -10.43 20.50
C MET A 349 -2.79 -11.91 20.71
N ILE A 350 -1.52 -12.28 20.62
CA ILE A 350 -1.12 -13.65 20.91
C ILE A 350 -1.34 -13.94 22.40
N LYS A 351 -0.99 -12.99 23.25
CA LYS A 351 -1.25 -13.14 24.68
C LYS A 351 -2.74 -13.32 24.94
N MET A 352 -3.56 -12.52 24.27
CA MET A 352 -5.01 -12.61 24.42
C MET A 352 -5.52 -13.96 23.94
N GLU A 353 -4.96 -14.44 22.83
CA GLU A 353 -5.33 -15.75 22.29
C GLU A 353 -5.03 -16.86 23.29
N LYS A 354 -3.86 -16.82 23.91
CA LYS A 354 -3.49 -17.83 24.89
C LYS A 354 -4.41 -17.82 26.11
N ALA A 355 -4.92 -16.65 26.44
CA ALA A 355 -5.75 -16.50 27.63
C ALA A 355 -7.21 -16.83 27.34
N ALA A 356 -7.64 -16.58 26.11
CA ALA A 356 -9.03 -16.81 25.72
C ALA A 356 -9.48 -18.23 26.06
N ALA A 357 -10.71 -18.34 26.54
CA ALA A 357 -11.29 -19.63 26.91
C ALA A 357 -11.47 -20.50 25.66
PB ADP B . 0.65 -4.83 -0.29
O1B ADP B . 0.14 -4.36 -1.64
O2B ADP B . 1.82 -5.76 -0.28
O3B ADP B . 0.61 -3.74 0.76
PA ADP B . -1.72 -6.67 -0.39
O1A ADP B . -2.01 -6.31 -1.80
O2A ADP B . -2.80 -7.17 0.52
O3A ADP B . -0.43 -6.14 0.27
O5' ADP B . -1.08 -8.33 -0.79
C5' ADP B . -0.01 -8.49 -1.55
C4' ADP B . 0.57 -9.93 -1.37
O4' ADP B . 1.30 -10.01 -0.15
C3' ADP B . -0.57 -10.96 -1.24
O3' ADP B . -0.32 -12.13 -1.96
C2' ADP B . -0.53 -11.38 0.26
O2' ADP B . -0.73 -12.75 0.37
C1' ADP B . 0.97 -11.16 0.52
N9 ADP B . 1.36 -11.05 1.96
C8 ADP B . 1.06 -9.94 2.79
N7 ADP B . 1.53 -10.10 4.04
C5 ADP B . 2.15 -11.36 4.04
C6 ADP B . 2.81 -12.09 5.04
N6 ADP B . 2.95 -11.58 6.31
N1 ADP B . 3.34 -13.33 4.78
C2 ADP B . 3.16 -13.79 3.49
N3 ADP B . 2.55 -13.21 2.44
C4 ADP B . 2.04 -11.97 2.75
MG MG C . -1.68 -4.30 -3.00
N ILO D . -8.79 1.61 -3.27
CA ILO D . -8.93 0.48 -2.33
CB ILO D . -7.57 0.23 -1.62
CG ILO D . -7.22 1.27 -0.53
CD ILO D . -5.95 0.79 0.19
NE ILO D . -5.37 -0.38 -0.53
CZ ILO D . -4.34 0.01 -1.45
CH1 ILO D . -3.75 -1.13 -2.21
NH2 ILO D . -3.98 1.25 -1.59
C ILO D . -10.04 0.83 -1.28
OA1 ILO D . -10.42 2.02 -1.20
OA2 ILO D . -10.48 -0.13 -0.59
N NO3 E . -1.74 -2.30 -0.63
O1 NO3 E . -1.96 -3.48 -0.99
O2 NO3 E . -2.20 -1.87 0.44
O3 NO3 E . -1.08 -1.54 -1.34
#